data_4F1Z
#
_entry.id   4F1Z
#
_cell.length_a   70.331
_cell.length_b   70.331
_cell.length_c   177.157
_cell.angle_alpha   90.00
_cell.angle_beta   90.00
_cell.angle_gamma   120.00
#
_symmetry.space_group_name_H-M   'P 31 2 1'
#
loop_
_entity.id
_entity.type
_entity.pdbx_description
1 polymer 'Clumping factor B'
2 polymer 'peptide from Keratin, type I cytoskeletal 10'
3 non-polymer 'MAGNESIUM ION'
4 water water
#
loop_
_entity_poly.entity_id
_entity_poly.type
_entity_poly.pdbx_seq_one_letter_code
_entity_poly.pdbx_strand_id
1 'polypeptide(L)'
;MRGSHHHHHHENLYFQGSLAVAEPVVNAADAKGTNVNDKVTASDFKLEKTAFDPNQSGNTFMAANFKVTGQVKSGDYFTA
KLPDSVTGNGDVDYSNSNNTMPIADIKSTNGDVVAKATYDILTKTYTFVFTDYVNDKENINGQFSLPLFTDRAKAPKSGT
YDANINIADEMFDNKITYNYSSPIAGIDKPNGANISSQIIGVDTASGQNTYKQTVFVNPKQRVLGNTWVYIKGYQDKIEE
SSGKVSATDTKLRIFEVNDTSKLSDSYYADPNDSNLKEVTGEFKDKISYKYDNVASINFGDINKTYVVLVEGHYDNTGKN
LKTQVIQENIDPATGKDYSIFGWNNENVVRYGGGSADGDSAVN
;
A
2 'polypeptide(L)' YGGGSSGGGSSGGG Q
#
# COMPACT_ATOMS: atom_id res chain seq x y z
N ALA A 31 6.72 -9.36 -27.61
CA ALA A 31 5.78 -9.03 -28.70
C ALA A 31 4.45 -8.55 -28.12
N LYS A 32 3.46 -8.42 -29.00
CA LYS A 32 2.13 -7.89 -28.66
C LYS A 32 1.56 -7.22 -29.91
N GLY A 33 0.69 -7.95 -30.61
CA GLY A 33 0.15 -7.46 -31.87
C GLY A 33 -1.17 -6.75 -31.68
N THR A 34 -2.25 -7.46 -31.97
CA THR A 34 -3.60 -6.90 -31.96
C THR A 34 -4.38 -6.95 -30.63
N ASN A 35 -5.27 -5.97 -30.47
CA ASN A 35 -6.16 -5.89 -29.32
C ASN A 35 -7.52 -6.46 -29.65
N VAL A 36 -7.76 -7.68 -29.19
CA VAL A 36 -8.90 -8.44 -29.63
C VAL A 36 -10.13 -8.32 -28.75
N ASN A 37 -10.16 -7.32 -27.87
CA ASN A 37 -11.32 -7.07 -27.03
C ASN A 37 -12.66 -7.41 -27.67
N ASP A 38 -12.83 -6.97 -28.92
CA ASP A 38 -14.08 -7.15 -29.66
C ASP A 38 -14.37 -8.61 -29.99
N LYS A 39 -13.35 -9.46 -29.85
CA LYS A 39 -13.56 -10.90 -30.02
C LYS A 39 -13.84 -11.52 -28.65
N VAL A 40 -13.80 -10.69 -27.61
CA VAL A 40 -13.83 -11.18 -26.23
C VAL A 40 -15.00 -10.67 -25.39
N THR A 41 -15.62 -11.60 -24.67
CA THR A 41 -16.76 -11.32 -23.81
C THR A 41 -16.66 -12.00 -22.44
N ALA A 42 -16.39 -11.18 -21.43
CA ALA A 42 -16.28 -11.65 -20.07
C ALA A 42 -17.69 -11.76 -19.48
N SER A 43 -17.78 -12.50 -18.37
CA SER A 43 -19.04 -12.82 -17.70
C SER A 43 -18.82 -13.56 -16.37
N ASP A 44 -19.90 -13.73 -15.62
CA ASP A 44 -19.85 -14.39 -14.31
C ASP A 44 -18.97 -13.61 -13.33
N PHE A 45 -18.94 -12.29 -13.52
CA PHE A 45 -18.13 -11.39 -12.70
C PHE A 45 -18.72 -11.21 -11.31
N LYS A 46 -17.87 -11.28 -10.31
CA LYS A 46 -18.28 -11.09 -8.91
C LYS A 46 -17.11 -10.47 -8.19
N LEU A 47 -17.41 -9.69 -7.16
CA LEU A 47 -16.38 -9.29 -6.20
C LEU A 47 -16.47 -10.18 -4.97
N GLU A 48 -15.37 -10.85 -4.63
CA GLU A 48 -15.38 -11.72 -3.48
C GLU A 48 -16.16 -11.03 -2.35
N LYS A 49 -15.86 -9.76 -2.12
CA LYS A 49 -16.61 -8.97 -1.13
C LYS A 49 -16.55 -7.47 -1.38
N THR A 50 -17.59 -6.75 -0.99
CA THR A 50 -17.77 -5.35 -1.36
C THR A 50 -17.49 -4.31 -0.26
N ALA A 51 -16.99 -4.75 0.89
CA ALA A 51 -16.66 -3.84 1.99
C ALA A 51 -15.54 -4.40 2.87
N PHE A 52 -14.50 -3.58 3.09
CA PHE A 52 -13.37 -3.99 3.94
C PHE A 52 -12.55 -2.82 4.49
N ASP A 53 -11.63 -3.14 5.40
CA ASP A 53 -10.73 -2.16 6.02
C ASP A 53 -9.33 -2.44 5.54
N PRO A 54 -8.80 -1.57 4.67
CA PRO A 54 -7.49 -1.76 4.02
C PRO A 54 -6.36 -1.51 5.01
N ASN A 55 -6.71 -0.95 6.17
CA ASN A 55 -5.78 -0.72 7.26
C ASN A 55 -5.67 -1.92 8.20
N GLN A 56 -6.34 -3.01 7.86
CA GLN A 56 -6.13 -4.27 8.58
C GLN A 56 -5.96 -5.39 7.55
N SER A 57 -5.29 -5.06 6.44
CA SER A 57 -5.03 -6.01 5.37
C SER A 57 -6.29 -6.43 4.67
N GLY A 58 -7.28 -5.55 4.70
CA GLY A 58 -8.51 -5.75 3.95
C GLY A 58 -8.19 -5.70 2.48
N ASN A 59 -8.92 -6.48 1.69
CA ASN A 59 -8.83 -6.40 0.23
C ASN A 59 -9.84 -7.36 -0.33
N THR A 60 -10.01 -7.36 -1.65
CA THR A 60 -10.93 -8.32 -2.23
C THR A 60 -10.32 -8.99 -3.47
N PHE A 61 -11.17 -9.55 -4.31
CA PHE A 61 -10.74 -10.18 -5.53
C PHE A 61 -11.87 -10.00 -6.51
N MET A 62 -11.50 -9.77 -7.75
CA MET A 62 -12.43 -9.84 -8.84
C MET A 62 -12.16 -11.17 -9.51
N ALA A 63 -13.22 -11.88 -9.82
CA ALA A 63 -13.11 -13.13 -10.55
C ALA A 63 -14.02 -13.07 -11.76
N ALA A 64 -13.68 -13.83 -12.79
CA ALA A 64 -14.52 -13.85 -13.98
C ALA A 64 -14.09 -14.87 -15.04
N ASN A 65 -15.07 -15.34 -15.81
CA ASN A 65 -14.83 -16.15 -16.99
C ASN A 65 -14.80 -15.29 -18.24
N PHE A 66 -14.07 -15.72 -19.26
CA PHE A 66 -14.05 -15.01 -20.53
C PHE A 66 -14.13 -15.98 -21.69
N LYS A 67 -14.48 -15.46 -22.85
CA LYS A 67 -14.72 -16.29 -24.02
C LYS A 67 -14.37 -15.58 -25.33
N VAL A 68 -13.76 -16.34 -26.24
CA VAL A 68 -13.30 -15.78 -27.50
C VAL A 68 -14.18 -16.16 -28.67
N THR A 69 -15.17 -15.32 -28.94
CA THR A 69 -15.97 -15.46 -30.15
C THR A 69 -15.03 -15.51 -31.34
N GLY A 70 -14.73 -16.74 -31.78
CA GLY A 70 -13.86 -16.93 -32.91
C GLY A 70 -12.50 -17.43 -32.52
N GLN A 71 -11.49 -16.97 -33.26
CA GLN A 71 -10.13 -17.46 -33.07
C GLN A 71 -9.12 -16.32 -33.03
N VAL A 72 -7.90 -16.66 -32.60
CA VAL A 72 -6.81 -15.69 -32.44
C VAL A 72 -5.44 -16.35 -32.67
N LYS A 73 -4.38 -15.59 -32.42
CA LYS A 73 -3.01 -16.02 -32.72
C LYS A 73 -2.02 -15.46 -31.71
N SER A 74 -0.83 -16.06 -31.64
CA SER A 74 0.19 -15.54 -30.72
C SER A 74 0.40 -14.06 -30.99
N GLY A 75 0.20 -13.25 -29.96
CA GLY A 75 0.39 -11.81 -30.09
C GLY A 75 -0.87 -11.02 -29.80
N ASP A 76 -2.02 -11.55 -30.18
CA ASP A 76 -3.27 -10.87 -29.88
C ASP A 76 -3.36 -10.75 -28.35
N TYR A 77 -4.32 -9.95 -27.89
CA TYR A 77 -4.46 -9.70 -26.47
C TYR A 77 -5.77 -9.00 -26.18
N PHE A 78 -6.22 -9.10 -24.93
CA PHE A 78 -7.31 -8.27 -24.47
C PHE A 78 -6.83 -7.64 -23.18
N THR A 79 -7.61 -6.69 -22.66
CA THR A 79 -7.25 -5.97 -21.46
C THR A 79 -8.38 -5.91 -20.43
N ALA A 80 -8.00 -5.49 -19.22
CA ALA A 80 -8.92 -5.09 -18.14
C ALA A 80 -8.39 -3.79 -17.57
N LYS A 81 -9.29 -2.91 -17.13
CA LYS A 81 -8.88 -1.63 -16.57
C LYS A 81 -9.68 -1.31 -15.31
N LEU A 82 -8.99 -0.75 -14.32
CA LEU A 82 -9.57 -0.51 -13.01
C LEU A 82 -9.88 0.97 -12.80
N PRO A 83 -11.00 1.27 -12.12
CA PRO A 83 -11.40 2.65 -11.85
C PRO A 83 -10.35 3.35 -11.01
N ASP A 84 -10.69 4.55 -10.55
CA ASP A 84 -9.85 5.27 -9.63
C ASP A 84 -9.80 4.64 -8.24
N SER A 85 -10.86 3.92 -7.87
CA SER A 85 -11.02 3.49 -6.48
C SER A 85 -10.07 2.38 -6.08
N VAL A 86 -9.87 1.41 -6.97
CA VAL A 86 -9.05 0.24 -6.64
C VAL A 86 -7.69 0.28 -7.30
N THR A 87 -6.79 -0.60 -6.85
CA THR A 87 -5.55 -0.87 -7.57
C THR A 87 -5.37 -2.38 -7.62
N GLY A 88 -4.27 -2.82 -8.20
CA GLY A 88 -4.07 -4.22 -8.46
C GLY A 88 -2.77 -4.65 -7.82
N ASN A 89 -2.15 -3.73 -7.07
CA ASN A 89 -0.87 -4.00 -6.42
C ASN A 89 -0.85 -3.59 -4.95
N GLY A 90 -1.91 -2.90 -4.52
CA GLY A 90 -2.03 -2.42 -3.16
C GLY A 90 -0.72 -1.85 -2.68
N ASP A 91 -0.29 -2.30 -1.53
CA ASP A 91 0.91 -1.74 -0.91
C ASP A 91 2.23 -2.36 -1.35
N VAL A 92 2.22 -3.16 -2.41
CA VAL A 92 3.44 -3.55 -3.09
C VAL A 92 3.88 -2.54 -4.22
N ASP A 93 4.98 -1.84 -3.99
CA ASP A 93 5.49 -0.87 -4.96
C ASP A 93 6.24 -1.51 -6.13
N TYR A 94 6.03 -0.96 -7.31
CA TYR A 94 6.64 -1.49 -8.51
C TYR A 94 7.31 -0.35 -9.27
N SER A 95 7.28 0.84 -8.66
CA SER A 95 7.80 2.02 -9.30
C SER A 95 9.26 1.82 -9.69
N ASN A 96 10.01 1.06 -8.89
CA ASN A 96 11.38 0.73 -9.27
C ASN A 96 11.42 -0.46 -10.21
N SER A 97 10.30 -0.69 -10.91
CA SER A 97 10.21 -1.77 -11.88
C SER A 97 9.42 -1.32 -13.12
N ASN A 98 9.61 -0.07 -13.51
CA ASN A 98 8.92 0.49 -14.69
C ASN A 98 7.40 0.36 -14.57
N ASN A 99 6.92 0.57 -13.34
CA ASN A 99 5.51 0.45 -13.00
C ASN A 99 4.83 -0.75 -13.64
N THR A 100 5.58 -1.83 -13.78
CA THR A 100 5.07 -3.05 -14.41
C THR A 100 5.02 -4.22 -13.41
N MET A 101 3.84 -4.80 -13.25
CA MET A 101 3.65 -5.88 -12.32
C MET A 101 3.47 -7.20 -13.03
N PRO A 102 4.44 -8.12 -12.85
CA PRO A 102 4.27 -9.44 -13.45
C PRO A 102 2.99 -10.04 -12.90
N ILE A 103 2.41 -10.96 -13.65
CA ILE A 103 1.22 -11.65 -13.20
C ILE A 103 1.36 -13.09 -13.63
N ALA A 104 1.15 -14.00 -12.69
CA ALA A 104 1.32 -15.41 -12.97
C ALA A 104 0.62 -15.75 -14.27
N ASP A 105 1.16 -16.71 -15.00
CA ASP A 105 0.67 -17.03 -16.32
C ASP A 105 -0.75 -17.57 -16.32
N ILE A 106 -1.40 -17.50 -17.46
CA ILE A 106 -2.70 -18.13 -17.64
C ILE A 106 -2.44 -19.44 -18.35
N LYS A 107 -3.05 -20.53 -17.85
CA LYS A 107 -2.72 -21.87 -18.32
C LYS A 107 -3.89 -22.72 -18.82
N SER A 108 -3.53 -23.86 -19.42
CA SER A 108 -4.42 -24.99 -19.64
C SER A 108 -4.11 -26.06 -18.58
N THR A 109 -4.72 -27.23 -18.66
CA THR A 109 -4.56 -28.22 -17.57
C THR A 109 -3.20 -28.94 -17.58
N ASN A 110 -2.62 -29.08 -18.76
CA ASN A 110 -1.30 -29.68 -18.89
C ASN A 110 -0.19 -28.71 -18.51
N GLY A 111 -0.56 -27.60 -17.88
CA GLY A 111 0.40 -26.60 -17.43
C GLY A 111 0.82 -25.68 -18.55
N ASP A 112 0.27 -25.91 -19.73
CA ASP A 112 0.62 -25.16 -20.93
C ASP A 112 0.33 -23.67 -20.78
N VAL A 113 1.37 -22.85 -20.83
CA VAL A 113 1.19 -21.42 -20.70
C VAL A 113 0.38 -20.93 -21.89
N VAL A 114 -0.88 -20.59 -21.63
CA VAL A 114 -1.73 -20.09 -22.70
C VAL A 114 -1.44 -18.62 -22.99
N ALA A 115 -1.42 -17.82 -21.94
CA ALA A 115 -1.14 -16.40 -22.10
C ALA A 115 -0.21 -15.91 -21.01
N LYS A 116 0.50 -14.83 -21.30
CA LYS A 116 1.40 -14.23 -20.36
C LYS A 116 0.72 -12.93 -19.92
N ALA A 117 0.83 -12.57 -18.64
CA ALA A 117 0.05 -11.44 -18.16
C ALA A 117 0.87 -10.54 -17.28
N THR A 118 0.49 -9.26 -17.30
CA THR A 118 1.13 -8.24 -16.48
C THR A 118 0.14 -7.10 -16.30
N TYR A 119 0.51 -6.14 -15.47
CA TYR A 119 -0.39 -5.07 -15.07
C TYR A 119 0.41 -3.77 -14.93
N ASP A 120 -0.15 -2.66 -15.40
CA ASP A 120 0.55 -1.39 -15.33
C ASP A 120 0.02 -0.57 -14.19
N ILE A 121 0.90 -0.30 -13.23
CA ILE A 121 0.52 0.40 -12.02
C ILE A 121 -0.08 1.76 -12.34
N LEU A 122 0.40 2.36 -13.42
CA LEU A 122 0.07 3.74 -13.75
C LEU A 122 -1.26 3.84 -14.46
N THR A 123 -1.42 3.03 -15.50
CA THR A 123 -2.64 3.01 -16.30
C THR A 123 -3.69 2.07 -15.73
N LYS A 124 -3.34 1.37 -14.65
CA LYS A 124 -4.21 0.36 -14.09
C LYS A 124 -4.75 -0.59 -15.13
N THR A 125 -3.87 -1.00 -16.04
CA THR A 125 -4.24 -1.88 -17.15
C THR A 125 -3.64 -3.29 -16.99
N TYR A 126 -4.49 -4.32 -17.03
CA TYR A 126 -4.04 -5.70 -17.15
C TYR A 126 -4.00 -6.05 -18.61
N THR A 127 -2.91 -6.63 -19.07
CA THR A 127 -2.83 -7.06 -20.46
C THR A 127 -2.46 -8.52 -20.51
N PHE A 128 -3.30 -9.31 -21.17
CA PHE A 128 -3.05 -10.74 -21.31
C PHE A 128 -2.68 -11.05 -22.75
N VAL A 129 -1.45 -11.50 -22.97
CA VAL A 129 -0.97 -11.72 -24.34
C VAL A 129 -0.64 -13.16 -24.67
N PHE A 130 -1.49 -13.75 -25.50
CA PHE A 130 -1.39 -15.14 -25.92
C PHE A 130 -0.02 -15.58 -26.42
N THR A 131 0.15 -16.89 -26.55
CA THR A 131 1.45 -17.47 -26.86
C THR A 131 1.32 -18.51 -27.94
N ASP A 132 2.37 -19.29 -28.12
CA ASP A 132 2.42 -20.38 -29.09
C ASP A 132 1.32 -21.41 -28.91
N TYR A 133 0.34 -21.12 -28.07
CA TYR A 133 -0.68 -22.10 -27.72
C TYR A 133 -1.96 -21.93 -28.51
N VAL A 134 -2.30 -20.69 -28.83
CA VAL A 134 -3.57 -20.39 -29.49
C VAL A 134 -3.60 -20.77 -30.97
N ASN A 135 -2.44 -20.96 -31.56
CA ASN A 135 -2.37 -21.23 -33.00
C ASN A 135 -2.83 -22.63 -33.37
N ASP A 136 -4.13 -22.90 -33.19
CA ASP A 136 -4.77 -24.12 -33.67
C ASP A 136 -6.00 -24.50 -32.86
N LYS A 137 -6.69 -23.52 -32.33
CA LYS A 137 -7.86 -23.78 -31.51
C LYS A 137 -8.89 -22.66 -31.64
N GLU A 138 -10.11 -22.94 -31.20
CA GLU A 138 -11.18 -21.95 -31.28
C GLU A 138 -12.12 -22.10 -30.08
N ASN A 139 -13.06 -21.16 -29.95
CA ASN A 139 -14.00 -21.16 -28.83
C ASN A 139 -13.28 -21.31 -27.48
N ILE A 140 -12.32 -20.43 -27.26
CA ILE A 140 -11.44 -20.54 -26.10
C ILE A 140 -12.06 -20.07 -24.79
N ASN A 141 -11.78 -20.81 -23.73
CA ASN A 141 -12.28 -20.49 -22.41
C ASN A 141 -11.17 -20.54 -21.37
N GLY A 142 -11.13 -19.53 -20.52
CA GLY A 142 -10.21 -19.55 -19.40
C GLY A 142 -10.87 -18.86 -18.24
N GLN A 143 -10.10 -18.60 -17.19
CA GLN A 143 -10.57 -17.78 -16.07
C GLN A 143 -9.43 -17.22 -15.21
N PHE A 144 -9.72 -16.11 -14.53
CA PHE A 144 -8.75 -15.50 -13.63
C PHE A 144 -9.40 -15.16 -12.30
N SER A 145 -8.56 -14.83 -11.35
CA SER A 145 -9.01 -14.31 -10.08
C SER A 145 -7.90 -13.37 -9.71
N LEU A 146 -8.26 -12.12 -9.51
CA LEU A 146 -7.25 -11.13 -9.35
C LEU A 146 -7.49 -10.30 -8.11
N PRO A 147 -6.47 -10.25 -7.22
CA PRO A 147 -6.51 -9.40 -6.03
C PRO A 147 -6.89 -7.99 -6.43
N LEU A 148 -7.60 -7.31 -5.53
CA LEU A 148 -7.92 -5.90 -5.69
C LEU A 148 -7.72 -5.21 -4.37
N PHE A 149 -7.07 -4.07 -4.39
CA PHE A 149 -6.78 -3.39 -3.13
C PHE A 149 -7.30 -1.99 -3.24
N THR A 150 -7.32 -1.27 -2.13
CA THR A 150 -7.74 0.13 -2.19
C THR A 150 -6.70 0.91 -2.99
N ASP A 151 -7.00 2.19 -3.24
CA ASP A 151 -6.06 3.11 -3.83
C ASP A 151 -6.03 4.20 -2.81
N ARG A 152 -4.90 4.33 -2.12
CA ARG A 152 -4.86 5.14 -0.91
C ARG A 152 -4.83 6.61 -1.21
N ALA A 153 -4.45 6.94 -2.44
CA ALA A 153 -4.44 8.34 -2.89
C ALA A 153 -5.79 8.67 -3.50
N LYS A 154 -6.29 7.75 -4.31
CA LYS A 154 -7.57 7.95 -4.97
C LYS A 154 -8.75 8.00 -4.04
N ALA A 155 -8.72 7.13 -3.02
CA ALA A 155 -9.82 6.94 -2.07
C ALA A 155 -9.32 7.08 -0.65
N PRO A 156 -9.04 8.31 -0.22
CA PRO A 156 -8.27 8.57 1.00
C PRO A 156 -9.09 8.61 2.29
N LYS A 157 -10.41 8.61 2.15
CA LYS A 157 -11.29 8.71 3.32
C LYS A 157 -12.22 7.50 3.35
N SER A 158 -12.51 6.97 4.54
CA SER A 158 -13.46 5.87 4.63
C SER A 158 -14.69 6.21 3.77
N GLY A 159 -15.13 5.28 2.93
CA GLY A 159 -16.41 5.44 2.27
C GLY A 159 -16.73 4.46 1.15
N THR A 160 -17.88 4.66 0.54
CA THR A 160 -18.31 3.85 -0.59
C THR A 160 -17.96 4.55 -1.91
N TYR A 161 -17.32 3.82 -2.82
CA TYR A 161 -16.87 4.35 -4.11
C TYR A 161 -17.41 3.52 -5.23
N ASP A 162 -17.54 4.16 -6.38
CA ASP A 162 -17.83 3.43 -7.60
C ASP A 162 -16.60 2.65 -8.00
N ALA A 163 -16.83 1.39 -8.31
CA ALA A 163 -15.78 0.46 -8.65
C ALA A 163 -16.24 -0.29 -9.88
N ASN A 164 -16.24 0.43 -11.00
CA ASN A 164 -16.62 -0.10 -12.32
C ASN A 164 -15.39 -0.61 -13.00
N ILE A 165 -15.36 -1.91 -13.26
CA ILE A 165 -14.19 -2.53 -13.85
C ILE A 165 -14.47 -2.85 -15.30
N ASN A 166 -13.48 -2.61 -16.15
CA ASN A 166 -13.60 -2.92 -17.55
C ASN A 166 -12.87 -4.21 -17.89
N ILE A 167 -13.59 -5.16 -18.48
CA ILE A 167 -12.97 -6.32 -19.10
C ILE A 167 -13.39 -6.45 -20.57
N ALA A 168 -12.41 -6.36 -21.47
CA ALA A 168 -12.65 -6.46 -22.91
C ALA A 168 -13.80 -5.56 -23.35
N ASP A 169 -13.65 -4.27 -23.02
CA ASP A 169 -14.56 -3.21 -23.45
C ASP A 169 -16.00 -3.33 -22.95
N GLU A 170 -16.24 -4.29 -22.07
CA GLU A 170 -17.52 -4.40 -21.37
C GLU A 170 -17.34 -3.92 -19.96
N MET A 171 -18.26 -3.07 -19.51
CA MET A 171 -18.18 -2.50 -18.18
C MET A 171 -18.94 -3.34 -17.17
N PHE A 172 -18.30 -3.62 -16.04
CA PHE A 172 -18.95 -4.34 -14.93
C PHE A 172 -18.95 -3.42 -13.72
N ASP A 173 -20.14 -3.07 -13.26
CA ASP A 173 -20.28 -1.98 -12.30
C ASP A 173 -20.49 -2.45 -10.85
N ASN A 174 -19.75 -1.84 -9.91
CA ASN A 174 -19.85 -2.19 -8.50
C ASN A 174 -19.65 -0.98 -7.61
N LYS A 175 -19.64 -1.24 -6.31
CA LYS A 175 -19.34 -0.21 -5.34
C LYS A 175 -18.51 -0.80 -4.22
N ILE A 176 -17.47 -0.10 -3.81
CA ILE A 176 -16.61 -0.58 -2.76
C ILE A 176 -16.69 0.34 -1.56
N THR A 177 -16.86 -0.25 -0.39
CA THR A 177 -16.84 0.55 0.83
C THR A 177 -15.53 0.31 1.56
N TYR A 178 -14.84 1.39 1.86
CA TYR A 178 -13.62 1.31 2.63
C TYR A 178 -13.90 1.77 4.06
N ASN A 179 -13.53 0.94 5.02
CA ASN A 179 -13.76 1.27 6.40
C ASN A 179 -12.40 1.33 7.11
N TYR A 180 -11.65 2.37 6.78
CA TYR A 180 -10.32 2.53 7.33
C TYR A 180 -10.37 2.63 8.85
N SER A 181 -9.54 1.83 9.51
CA SER A 181 -9.31 2.01 10.94
C SER A 181 -8.67 3.36 11.15
N SER A 182 -9.47 4.33 11.60
CA SER A 182 -8.97 5.68 11.86
C SER A 182 -7.53 5.67 12.34
N PRO A 183 -6.69 6.47 11.71
CA PRO A 183 -5.30 6.63 12.15
C PRO A 183 -5.26 7.65 13.27
N ILE A 184 -6.42 8.15 13.67
CA ILE A 184 -6.49 9.05 14.82
C ILE A 184 -6.57 8.19 16.10
N ALA A 185 -5.40 7.83 16.62
CA ALA A 185 -5.32 6.84 17.67
C ALA A 185 -4.24 7.18 18.70
N GLY A 186 -4.56 6.95 19.97
CA GLY A 186 -3.62 7.24 21.04
C GLY A 186 -4.29 7.08 22.39
N ILE A 187 -3.63 7.53 23.44
CA ILE A 187 -4.21 7.49 24.78
C ILE A 187 -5.53 8.27 24.79
N ASP A 188 -6.36 8.04 25.80
CA ASP A 188 -7.59 8.79 25.94
C ASP A 188 -7.33 10.01 26.81
N LYS A 189 -6.10 10.13 27.30
CA LYS A 189 -5.72 11.26 28.12
C LYS A 189 -5.55 12.51 27.27
N PRO A 190 -5.96 13.67 27.79
CA PRO A 190 -5.86 14.97 27.13
C PRO A 190 -4.43 15.31 26.72
N ASN A 191 -3.46 14.78 27.45
CA ASN A 191 -2.07 15.03 27.17
C ASN A 191 -1.40 13.76 26.73
N GLY A 192 -2.20 12.84 26.22
CA GLY A 192 -1.72 11.52 25.86
C GLY A 192 -0.95 11.38 24.56
N ALA A 193 0.17 10.68 24.65
CA ALA A 193 0.95 10.36 23.46
C ALA A 193 0.06 9.64 22.49
N ASN A 194 0.16 10.01 21.21
CA ASN A 194 -0.67 9.44 20.16
C ASN A 194 0.08 9.50 18.84
N ILE A 195 0.17 8.36 18.17
CA ILE A 195 0.90 8.28 16.92
C ILE A 195 0.49 7.01 16.18
N SER A 196 0.40 7.09 14.86
CA SER A 196 0.13 5.94 14.01
C SER A 196 1.04 5.99 12.78
N SER A 197 0.90 4.99 11.91
CA SER A 197 1.82 4.83 10.81
C SER A 197 1.42 3.62 9.97
N GLN A 198 1.69 3.69 8.67
CA GLN A 198 1.46 2.54 7.78
C GLN A 198 2.61 2.39 6.79
N ILE A 199 2.88 1.15 6.40
CA ILE A 199 3.79 0.83 5.32
C ILE A 199 2.91 0.75 4.08
N ILE A 200 3.04 1.73 3.17
CA ILE A 200 2.13 1.86 2.04
C ILE A 200 2.74 1.52 0.69
N GLY A 201 4.02 1.12 0.70
CA GLY A 201 4.63 0.61 -0.50
C GLY A 201 5.88 -0.21 -0.25
N VAL A 202 5.91 -1.43 -0.77
CA VAL A 202 7.06 -2.31 -0.62
C VAL A 202 7.56 -2.83 -1.96
N ASP A 203 8.87 -2.70 -2.19
CA ASP A 203 9.46 -3.12 -3.45
C ASP A 203 9.98 -4.56 -3.38
N THR A 204 9.13 -5.52 -3.75
CA THR A 204 9.52 -6.93 -3.76
C THR A 204 10.25 -7.36 -5.03
N ALA A 205 10.03 -6.63 -6.12
CA ALA A 205 10.39 -7.15 -7.45
C ALA A 205 11.74 -6.68 -7.97
N SER A 206 12.06 -5.41 -7.74
CA SER A 206 13.26 -4.85 -8.32
C SER A 206 14.54 -5.46 -7.74
N GLY A 207 14.51 -5.83 -6.45
CA GLY A 207 15.72 -6.32 -5.80
C GLY A 207 16.39 -5.19 -5.04
N GLN A 208 15.91 -3.96 -5.27
CA GLN A 208 16.34 -2.80 -4.50
C GLN A 208 15.85 -2.90 -3.05
N ASN A 209 14.83 -3.72 -2.82
CA ASN A 209 14.26 -3.91 -1.49
C ASN A 209 13.98 -2.62 -0.71
N THR A 210 13.24 -1.69 -1.30
CA THR A 210 12.86 -0.46 -0.61
C THR A 210 11.46 -0.57 -0.03
N TYR A 211 11.14 0.31 0.93
CA TYR A 211 9.78 0.42 1.45
C TYR A 211 9.41 1.89 1.74
N LYS A 212 8.10 2.15 1.66
CA LYS A 212 7.56 3.49 1.91
C LYS A 212 6.57 3.45 3.06
N GLN A 213 6.76 4.33 4.03
CA GLN A 213 5.92 4.34 5.22
C GLN A 213 5.55 5.76 5.64
N THR A 214 4.25 5.96 5.85
CA THR A 214 3.73 7.20 6.43
C THR A 214 3.51 7.03 7.95
N VAL A 215 4.20 7.84 8.73
CA VAL A 215 3.95 7.98 10.15
C VAL A 215 3.19 9.27 10.37
N PHE A 216 2.20 9.23 11.25
CA PHE A 216 1.52 10.41 11.74
C PHE A 216 1.85 10.60 13.21
N VAL A 217 2.39 11.76 13.52
CA VAL A 217 2.75 12.12 14.87
C VAL A 217 1.72 13.14 15.37
N ASN A 218 1.15 12.88 16.53
CA ASN A 218 0.07 13.70 17.11
C ASN A 218 -1.17 13.82 16.25
N PRO A 219 -1.65 12.72 15.67
CA PRO A 219 -2.93 12.77 14.95
C PRO A 219 -4.05 13.44 15.77
N LYS A 220 -4.00 13.31 17.09
CA LYS A 220 -5.01 13.89 18.00
C LYS A 220 -4.83 15.39 18.15
N GLN A 221 -3.73 15.91 17.62
CA GLN A 221 -3.41 17.32 17.77
C GLN A 221 -3.74 17.78 19.18
N ARG A 222 -3.00 17.24 20.15
CA ARG A 222 -3.14 17.68 21.53
C ARG A 222 -2.02 18.63 21.88
N VAL A 223 -2.05 19.13 23.11
CA VAL A 223 -0.94 19.91 23.63
C VAL A 223 0.08 18.95 24.22
N LEU A 224 1.22 18.82 23.56
CA LEU A 224 2.21 17.82 23.96
C LEU A 224 3.58 18.40 24.31
N GLY A 225 4.11 17.94 25.45
CA GLY A 225 5.37 18.46 25.98
C GLY A 225 6.54 17.56 25.69
N ASN A 226 7.73 18.16 25.61
CA ASN A 226 8.95 17.46 25.22
C ASN A 226 8.66 16.14 24.51
N THR A 227 8.23 16.22 23.26
CA THR A 227 7.75 15.05 22.53
C THR A 227 8.85 14.30 21.77
N TRP A 228 8.86 12.98 21.92
CA TRP A 228 9.89 12.12 21.34
C TRP A 228 9.34 11.00 20.45
N VAL A 229 10.01 10.77 19.31
CA VAL A 229 9.57 9.77 18.33
C VAL A 229 10.66 8.79 17.90
N TYR A 230 10.25 7.55 17.62
CA TYR A 230 11.16 6.44 17.31
C TYR A 230 10.61 5.59 16.20
N ILE A 231 11.43 5.34 15.18
CA ILE A 231 11.02 4.52 14.04
C ILE A 231 11.92 3.31 14.08
N LYS A 232 11.32 2.13 14.29
CA LYS A 232 12.12 0.92 14.43
C LYS A 232 11.97 0.08 13.18
N GLY A 233 13.03 -0.65 12.84
CA GLY A 233 12.97 -1.56 11.70
C GLY A 233 12.42 -2.90 12.13
N TYR A 234 11.95 -2.97 13.37
CA TYR A 234 11.41 -4.21 13.90
C TYR A 234 10.41 -3.92 15.02
N GLN A 235 9.85 -4.97 15.60
CA GLN A 235 8.92 -4.77 16.67
C GLN A 235 9.61 -5.12 17.98
N ASP A 236 9.24 -6.22 18.62
CA ASP A 236 9.94 -6.62 19.85
C ASP A 236 11.28 -7.27 19.55
N LYS A 237 11.37 -7.99 18.43
CA LYS A 237 12.56 -8.77 18.14
C LYS A 237 13.27 -8.40 16.85
N ILE A 238 14.51 -7.95 17.00
CA ILE A 238 15.34 -7.59 15.86
C ILE A 238 15.41 -8.73 14.89
N GLU A 239 15.75 -9.91 15.38
CA GLU A 239 16.04 -11.02 14.50
C GLU A 239 14.80 -11.48 13.73
N GLU A 240 13.66 -10.86 14.01
CA GLU A 240 12.39 -11.30 13.43
C GLU A 240 11.87 -10.44 12.28
N SER A 241 12.67 -9.45 11.88
CA SER A 241 12.28 -8.53 10.83
C SER A 241 13.46 -8.32 9.91
N SER A 242 13.15 -8.20 8.61
CA SER A 242 14.12 -7.85 7.58
C SER A 242 14.51 -6.38 7.61
N GLY A 243 13.58 -5.52 8.05
CA GLY A 243 13.82 -4.09 8.09
C GLY A 243 15.18 -3.67 8.59
N LYS A 244 15.68 -2.57 8.02
CA LYS A 244 16.95 -1.94 8.45
C LYS A 244 16.83 -0.41 8.51
N VAL A 245 17.01 0.14 9.69
CA VAL A 245 16.94 1.58 9.89
C VAL A 245 18.24 2.18 10.37
N SER A 246 18.91 2.86 9.44
CA SER A 246 20.19 3.50 9.66
C SER A 246 20.19 4.80 8.89
N ALA A 247 21.19 5.63 9.16
CA ALA A 247 21.34 6.91 8.48
C ALA A 247 21.57 6.72 6.99
N THR A 248 22.11 5.54 6.67
CA THR A 248 22.50 5.20 5.32
C THR A 248 21.37 4.52 4.56
N ASP A 249 20.49 3.82 5.28
CA ASP A 249 19.39 3.08 4.65
C ASP A 249 18.08 3.85 4.63
N THR A 250 18.09 5.06 5.19
CA THR A 250 16.84 5.67 5.59
C THR A 250 16.78 7.18 5.40
N LYS A 251 15.76 7.63 4.67
CA LYS A 251 15.54 9.05 4.47
C LYS A 251 14.20 9.43 5.07
N LEU A 252 14.17 10.62 5.68
CA LEU A 252 13.02 11.08 6.43
C LEU A 252 12.66 12.52 6.07
N ARG A 253 11.41 12.75 5.71
CA ARG A 253 10.93 14.11 5.48
C ARG A 253 9.74 14.47 6.36
N ILE A 254 9.85 15.58 7.09
CA ILE A 254 8.81 15.96 8.04
C ILE A 254 8.00 17.18 7.60
N PHE A 255 6.68 17.11 7.81
CA PHE A 255 5.75 18.14 7.39
C PHE A 255 4.78 18.50 8.52
N GLU A 256 4.83 19.73 9.00
CA GLU A 256 3.75 20.23 9.82
C GLU A 256 2.42 20.27 9.04
N VAL A 257 1.36 19.69 9.61
CA VAL A 257 0.02 19.76 9.02
C VAL A 257 -0.68 21.07 9.35
N ASN A 258 -1.47 21.58 8.41
CA ASN A 258 -2.24 22.81 8.64
C ASN A 258 -3.59 22.50 9.27
N ASP A 259 -4.29 21.55 8.66
CA ASP A 259 -5.61 21.16 9.09
C ASP A 259 -5.60 19.66 9.08
N THR A 260 -5.75 19.11 10.27
CA THR A 260 -5.68 17.68 10.51
C THR A 260 -6.83 16.99 9.84
N SER A 261 -8.02 17.57 9.94
CA SER A 261 -9.19 16.93 9.34
C SER A 261 -8.93 16.59 7.86
N LYS A 262 -8.10 17.40 7.19
CA LYS A 262 -7.84 17.20 5.77
C LYS A 262 -6.93 16.00 5.51
N LEU A 263 -6.53 15.32 6.58
CA LEU A 263 -5.64 14.18 6.43
C LEU A 263 -6.39 12.93 6.03
N SER A 264 -5.70 12.07 5.29
CA SER A 264 -6.29 10.82 4.79
C SER A 264 -6.50 9.79 5.89
N ASP A 265 -7.61 9.07 5.81
CA ASP A 265 -7.82 7.89 6.65
C ASP A 265 -6.93 6.76 6.14
N SER A 266 -6.47 6.87 4.89
CA SER A 266 -5.72 5.80 4.21
C SER A 266 -4.22 5.75 4.52
N TYR A 267 -3.69 6.80 5.13
CA TYR A 267 -2.26 6.92 5.37
C TYR A 267 -1.47 7.56 4.20
N TYR A 268 -2.08 7.67 3.02
CA TYR A 268 -1.39 8.41 1.95
C TYR A 268 -1.14 9.86 2.35
N ALA A 269 0.05 10.35 2.03
CA ALA A 269 0.32 11.78 2.19
C ALA A 269 1.05 12.33 0.96
N ASP A 270 0.45 13.29 0.29
CA ASP A 270 1.08 13.91 -0.88
C ASP A 270 2.02 15.02 -0.41
N PRO A 271 3.34 14.83 -0.62
CA PRO A 271 4.26 15.84 -0.07
C PRO A 271 3.97 17.23 -0.64
N ASN A 272 3.20 17.27 -1.73
CA ASN A 272 2.89 18.53 -2.41
C ASN A 272 1.56 19.14 -2.00
N ASP A 273 0.84 18.47 -1.12
CA ASP A 273 -0.34 19.06 -0.53
C ASP A 273 0.10 20.37 0.08
N SER A 274 -0.69 21.42 -0.16
CA SER A 274 -0.44 22.72 0.46
C SER A 274 -0.69 22.61 1.95
N ASN A 275 -1.48 21.60 2.31
CA ASN A 275 -1.89 21.38 3.69
C ASN A 275 -0.71 20.89 4.51
N LEU A 276 0.34 20.46 3.83
CA LEU A 276 1.57 20.04 4.46
C LEU A 276 2.70 21.03 4.19
N LYS A 277 3.46 21.36 5.21
CA LYS A 277 4.66 22.19 5.04
C LYS A 277 5.93 21.45 5.42
N GLU A 278 6.68 20.97 4.43
CA GLU A 278 7.93 20.29 4.74
C GLU A 278 8.76 21.18 5.66
N VAL A 279 9.24 20.59 6.75
CA VAL A 279 10.12 21.32 7.65
C VAL A 279 11.37 20.50 7.98
N THR A 280 11.72 19.59 7.06
CA THR A 280 12.88 18.72 7.23
C THR A 280 14.15 19.49 7.62
N GLY A 281 14.15 20.79 7.37
CA GLY A 281 15.30 21.60 7.68
C GLY A 281 15.32 22.11 9.11
N GLU A 282 14.36 21.71 9.91
CA GLU A 282 14.34 22.13 11.30
C GLU A 282 14.77 20.99 12.23
N PHE A 283 15.41 19.99 11.65
CA PHE A 283 15.64 18.71 12.31
C PHE A 283 17.02 18.13 12.07
N LYS A 284 17.92 18.96 11.55
CA LYS A 284 19.28 18.53 11.26
C LYS A 284 19.95 17.95 12.47
N ASP A 285 19.58 18.46 13.64
CA ASP A 285 20.21 18.02 14.87
C ASP A 285 19.17 17.53 15.87
N LYS A 286 18.21 16.75 15.38
CA LYS A 286 17.18 16.21 16.25
C LYS A 286 16.86 14.80 15.83
N ILE A 287 17.70 14.25 14.95
CA ILE A 287 17.49 12.91 14.42
C ILE A 287 18.72 12.03 14.63
N SER A 288 18.52 10.87 15.25
CA SER A 288 19.61 9.99 15.61
C SER A 288 19.42 8.56 15.12
N TYR A 289 20.50 7.98 14.59
CA TYR A 289 20.48 6.59 14.16
C TYR A 289 21.45 5.80 15.02
N LYS A 290 21.80 6.40 16.16
CA LYS A 290 22.57 5.75 17.22
C LYS A 290 22.16 4.30 17.41
N TYR A 291 21.05 4.11 18.10
CA TYR A 291 20.65 2.80 18.54
C TYR A 291 20.26 1.93 17.34
N ASP A 292 20.33 0.62 17.53
CA ASP A 292 20.20 -0.32 16.42
C ASP A 292 18.82 -0.33 15.80
N ASN A 293 18.80 -0.33 14.48
CA ASN A 293 17.55 -0.47 13.74
C ASN A 293 16.50 0.52 14.22
N VAL A 294 16.95 1.68 14.67
CA VAL A 294 16.05 2.73 15.09
C VAL A 294 16.47 4.16 14.69
N ALA A 295 15.48 5.04 14.64
CA ALA A 295 15.70 6.45 14.41
C ALA A 295 14.84 7.24 15.38
N SER A 296 15.38 8.34 15.87
CA SER A 296 14.68 9.17 16.83
C SER A 296 14.62 10.63 16.38
N ILE A 297 13.44 11.23 16.49
CA ILE A 297 13.22 12.64 16.17
C ILE A 297 12.90 13.36 17.47
N ASN A 298 13.44 14.56 17.68
CA ASN A 298 13.08 15.34 18.87
C ASN A 298 12.08 16.45 18.61
N PHE A 299 10.80 16.10 18.50
CA PHE A 299 9.74 17.06 18.24
C PHE A 299 9.59 18.23 19.21
N GLY A 300 10.12 18.09 20.43
CA GLY A 300 10.07 19.17 21.39
C GLY A 300 8.66 19.50 21.85
N ASP A 301 8.41 20.79 22.11
CA ASP A 301 7.06 21.28 22.41
C ASP A 301 6.25 21.48 21.12
N ILE A 302 5.22 20.65 20.94
CA ILE A 302 4.37 20.69 19.75
C ILE A 302 2.89 20.79 20.12
N ASN A 303 2.06 21.30 19.21
CA ASN A 303 0.62 21.39 19.47
C ASN A 303 -0.24 21.09 18.25
N LYS A 304 0.35 20.44 17.26
CA LYS A 304 -0.41 19.98 16.11
C LYS A 304 0.23 18.74 15.53
N THR A 305 -0.42 18.18 14.52
CA THR A 305 0.00 16.98 13.84
C THR A 305 1.20 17.20 12.92
N TYR A 306 2.07 16.19 12.80
CA TYR A 306 3.14 16.21 11.81
C TYR A 306 3.19 14.90 11.04
N VAL A 307 3.64 14.96 9.80
CA VAL A 307 3.73 13.75 8.97
C VAL A 307 5.18 13.39 8.64
N VAL A 308 5.53 12.12 8.78
CA VAL A 308 6.87 11.66 8.47
C VAL A 308 6.90 10.64 7.34
N LEU A 309 7.49 11.04 6.21
CA LEU A 309 7.69 10.11 5.09
C LEU A 309 8.97 9.33 5.30
N VAL A 310 8.87 8.02 5.18
CA VAL A 310 9.98 7.14 5.40
C VAL A 310 10.32 6.42 4.11
N GLU A 311 11.54 6.57 3.67
CA GLU A 311 11.99 5.74 2.58
C GLU A 311 13.10 4.97 3.22
N GLY A 312 12.92 3.66 3.29
CA GLY A 312 13.91 2.82 3.90
C GLY A 312 14.07 1.55 3.09
N HIS A 313 14.87 0.64 3.63
CA HIS A 313 15.17 -0.63 2.99
C HIS A 313 15.12 -1.78 4.00
N TYR A 314 14.93 -3.00 3.48
CA TYR A 314 14.98 -4.23 4.27
C TYR A 314 15.96 -5.21 3.63
N ASP A 315 16.43 -6.19 4.41
CA ASP A 315 17.45 -7.12 3.92
C ASP A 315 16.90 -8.36 3.23
N ASN A 316 17.81 -9.17 2.70
CA ASN A 316 17.44 -10.35 1.92
C ASN A 316 17.12 -11.57 2.77
N THR A 317 17.09 -11.39 4.09
CA THR A 317 16.86 -12.49 5.03
C THR A 317 15.61 -13.29 4.69
N GLY A 318 14.66 -12.66 3.99
CA GLY A 318 13.40 -13.30 3.68
C GLY A 318 12.44 -13.15 4.84
N LYS A 319 12.99 -12.74 5.97
CA LYS A 319 12.16 -12.48 7.14
C LYS A 319 11.18 -11.40 6.78
N ASN A 320 9.98 -11.50 7.33
CA ASN A 320 8.94 -10.56 7.04
C ASN A 320 9.41 -9.17 7.45
N LEU A 321 8.73 -8.17 6.93
CA LEU A 321 9.12 -6.82 7.25
C LEU A 321 8.12 -6.27 8.24
N LYS A 322 8.56 -6.21 9.51
CA LYS A 322 7.69 -5.81 10.61
C LYS A 322 8.27 -4.55 11.21
N THR A 323 7.43 -3.65 11.69
CA THR A 323 7.96 -2.41 12.24
C THR A 323 7.08 -1.85 13.31
N GLN A 324 7.63 -0.88 14.02
CA GLN A 324 6.94 -0.25 15.10
C GLN A 324 7.47 1.17 15.31
N VAL A 325 6.56 2.11 15.52
CA VAL A 325 6.93 3.48 15.84
C VAL A 325 6.32 3.82 17.22
N ILE A 326 7.06 4.57 18.02
CA ILE A 326 6.61 4.98 19.36
C ILE A 326 6.87 6.44 19.65
N GLN A 327 5.93 7.06 20.36
CA GLN A 327 6.08 8.43 20.81
C GLN A 327 5.82 8.53 22.32
N GLU A 328 6.65 9.31 22.99
CA GLU A 328 6.48 9.64 24.40
C GLU A 328 6.54 11.15 24.60
N ASN A 329 5.71 11.65 25.49
CA ASN A 329 5.74 13.06 25.86
C ASN A 329 5.75 13.28 27.37
N ILE A 330 6.39 14.36 27.80
CA ILE A 330 6.46 14.72 29.20
C ILE A 330 5.54 15.92 29.46
N ASP A 331 6.02 16.92 30.20
CA ASP A 331 5.26 18.15 30.46
C ASP A 331 3.78 17.79 30.73
N PRO A 332 2.81 18.59 30.25
CA PRO A 332 2.76 19.96 29.71
C PRO A 332 1.98 20.84 30.67
N ALA A 333 2.61 21.89 31.18
CA ALA A 333 1.96 22.76 32.16
C ALA A 333 1.77 22.04 33.51
N THR A 334 2.47 20.92 33.68
CA THR A 334 2.53 20.23 34.97
C THR A 334 3.92 19.67 35.21
N GLY A 335 4.57 19.21 34.14
CA GLY A 335 5.90 18.63 34.24
C GLY A 335 5.92 17.16 34.65
N LYS A 336 4.74 16.64 35.01
CA LYS A 336 4.62 15.24 35.37
C LYS A 336 3.79 14.44 34.36
N ASP A 337 2.80 13.71 34.84
CA ASP A 337 1.94 12.87 34.01
C ASP A 337 2.52 12.56 32.63
N TYR A 338 3.72 12.01 32.62
CA TYR A 338 4.36 11.52 31.40
C TYR A 338 3.57 10.36 30.82
N SER A 339 3.70 10.10 29.51
CA SER A 339 3.02 8.98 28.85
C SER A 339 3.71 8.44 27.58
N ILE A 340 3.14 7.39 26.99
CA ILE A 340 3.73 6.72 25.85
C ILE A 340 2.73 5.86 25.11
N PHE A 341 2.87 5.81 23.78
CA PHE A 341 1.96 5.06 22.93
C PHE A 341 2.78 4.51 21.76
N GLY A 342 2.50 3.28 21.35
CA GLY A 342 3.27 2.61 20.32
C GLY A 342 2.36 2.13 19.20
N TRP A 343 2.96 1.59 18.12
CA TRP A 343 2.19 1.26 16.93
C TRP A 343 2.93 0.32 15.97
N ASN A 344 2.27 -0.72 15.50
CA ASN A 344 2.94 -1.78 14.76
C ASN A 344 2.45 -1.95 13.34
N ASN A 345 3.37 -2.30 12.45
CA ASN A 345 3.01 -2.53 11.06
C ASN A 345 3.63 -3.80 10.56
N GLU A 346 2.87 -4.46 9.70
CA GLU A 346 3.42 -5.44 8.79
C GLU A 346 2.37 -5.60 7.70
N ASN A 347 2.77 -6.06 6.51
CA ASN A 347 1.81 -6.24 5.42
C ASN A 347 1.72 -7.68 4.94
N VAL A 348 0.66 -7.98 4.20
CA VAL A 348 0.44 -9.35 3.71
C VAL A 348 0.38 -9.42 2.19
N VAL A 349 0.89 -10.51 1.64
CA VAL A 349 0.95 -10.74 0.21
C VAL A 349 -0.12 -11.68 -0.32
N ARG A 350 -0.85 -11.22 -1.33
CA ARG A 350 -1.84 -12.08 -2.00
C ARG A 350 -1.45 -12.39 -3.46
N TYR A 351 -2.16 -13.33 -4.08
CA TYR A 351 -1.84 -13.82 -5.42
C TYR A 351 -3.08 -13.86 -6.30
N GLY A 352 -2.89 -13.82 -7.61
CA GLY A 352 -3.99 -13.85 -8.55
C GLY A 352 -3.99 -15.07 -9.43
N TYR B 1 0.92 0.37 26.17
CA TYR B 1 0.07 1.24 25.36
C TYR B 1 0.50 1.20 23.91
N GLY B 2 -0.46 0.96 23.02
CA GLY B 2 -0.16 0.90 21.62
C GLY B 2 -1.33 0.33 20.82
N GLY B 3 -1.21 0.41 19.49
CA GLY B 3 -2.17 -0.18 18.57
C GLY B 3 -1.45 -0.73 17.34
N GLY B 4 -2.14 -0.77 16.21
CA GLY B 4 -1.51 -1.28 15.03
C GLY B 4 -2.37 -1.23 13.79
N SER B 5 -1.72 -1.46 12.65
CA SER B 5 -2.41 -1.60 11.38
C SER B 5 -1.51 -2.44 10.50
N SER B 6 -2.13 -3.13 9.56
CA SER B 6 -1.40 -3.95 8.62
C SER B 6 -1.87 -3.57 7.23
N GLY B 7 -1.06 -3.85 6.21
CA GLY B 7 -1.41 -3.54 4.83
C GLY B 7 -1.43 -4.78 3.97
N GLY B 8 -1.51 -4.57 2.66
CA GLY B 8 -1.58 -5.69 1.75
C GLY B 8 -1.38 -5.27 0.30
N GLY B 9 -0.94 -6.22 -0.52
CA GLY B 9 -0.59 -5.96 -1.91
C GLY B 9 -0.29 -7.26 -2.65
N SER B 10 -0.04 -7.18 -3.95
CA SER B 10 0.21 -8.37 -4.74
C SER B 10 1.70 -8.47 -5.15
N SER B 11 2.29 -9.66 -4.98
CA SER B 11 3.66 -9.88 -5.42
C SER B 11 3.72 -10.08 -6.93
N GLY B 12 2.55 -10.24 -7.54
CA GLY B 12 2.45 -10.53 -8.96
C GLY B 12 2.69 -12.00 -9.27
N GLY B 13 2.31 -12.86 -8.33
CA GLY B 13 2.48 -14.29 -8.49
C GLY B 13 3.88 -14.74 -8.10
N GLY B 14 4.81 -13.79 -8.11
CA GLY B 14 6.18 -14.05 -7.74
C GLY B 14 6.57 -13.37 -6.44
#